data_4FXZ
#
_entry.id   4FXZ
#
_cell.length_a   122.140
_cell.length_b   89.888
_cell.length_c   81.262
_cell.angle_alpha   90.00
_cell.angle_beta   102.95
_cell.angle_gamma   90.00
#
_symmetry.space_group_name_H-M   'C 1 2 1'
#
loop_
_entity.id
_entity.type
_entity.pdbx_description
1 polymer Transporter
2 non-polymer LEUCINE
3 non-polymer 'SODIUM ION'
4 non-polymer 'ACETATE ION'
5 non-polymer UNDECANE
6 water water
#
_entity_poly.entity_id   1
_entity_poly.type   'polypeptide(L)'
_entity_poly.pdbx_seq_one_letter_code
;MEVKREHWATRLGLILAMAGNAVGLGNFLRFPVQAAENGGGAFMIPYIIAFLLVGIPLMWIEWAMGRYGGAQGHGTTPAI
FYLLWRNRFAKILGVFGLWIPLVVAIYYVYIESWTLGFAIKFLVGLVPEPPPNATDPDSILRPFKEFLYSYIGVPKGDEP
ILKPSLFAYIVFLITMFINVSILIRGISKGIERFAKIAMPTLFILAVFLVIRVFLLETPNGTAADGLNFLWTPDFEKLKD
PGVWIAAVGQIFATLSLGFGAIITYASYVRKDQDIVLSGLTAATLNEKAEVILGGSISIPAAVAFFGVANAVAIAKAGAF
NLGFITLPAIFSQTAGGTFLGFLWFFLLFFAGLTSSIAIMQPMIAFLEDELKLSRKHAVLWTAAIVFFSAHLVMFLNKSL
DEMDFWAGTIGVVFFGLTELIIFFWIFGADKAWEEINRGGIIKVPRIYYYVMRYITPAFLAVLLVVWAREYIPKIMEETH
WTVWITRFYIIGLFLFLTFLVFLAERRRNHESA
;
_entity_poly.pdbx_strand_id   A
#
# COMPACT_ATOMS: atom_id res chain seq x y z
N ARG A 5 -12.61 -16.37 -18.89
CA ARG A 5 -11.97 -15.62 -17.82
C ARG A 5 -12.77 -15.75 -16.52
N GLU A 6 -12.08 -15.67 -15.39
CA GLU A 6 -12.75 -15.70 -14.10
C GLU A 6 -13.32 -14.33 -13.75
N HIS A 7 -14.40 -14.32 -12.99
CA HIS A 7 -15.08 -13.07 -12.65
C HIS A 7 -15.51 -13.04 -11.19
N TRP A 8 -15.79 -11.83 -10.70
CA TRP A 8 -16.30 -11.66 -9.34
C TRP A 8 -17.73 -12.17 -9.26
N ALA A 9 -18.04 -12.91 -8.21
CA ALA A 9 -19.36 -13.48 -8.04
C ALA A 9 -20.43 -12.41 -7.88
N THR A 10 -20.30 -11.58 -6.86
CA THR A 10 -21.26 -10.53 -6.59
C THR A 10 -20.62 -9.14 -6.62
N ARG A 11 -21.45 -8.12 -6.70
CA ARG A 11 -20.97 -6.74 -6.71
C ARG A 11 -20.43 -6.35 -5.33
N LEU A 12 -21.08 -6.84 -4.28
CA LEU A 12 -20.61 -6.60 -2.92
C LEU A 12 -19.23 -7.20 -2.72
N GLY A 13 -19.04 -8.43 -3.18
CA GLY A 13 -17.75 -9.09 -3.08
C GLY A 13 -16.67 -8.33 -3.82
N LEU A 14 -17.02 -7.80 -4.98
CA LEU A 14 -16.10 -6.96 -5.75
C LEU A 14 -15.71 -5.73 -4.93
N ILE A 15 -16.70 -5.02 -4.42
CA ILE A 15 -16.47 -3.83 -3.62
C ILE A 15 -15.53 -4.11 -2.45
N LEU A 16 -15.87 -5.12 -1.66
CA LEU A 16 -15.08 -5.46 -0.48
C LEU A 16 -13.68 -5.94 -0.85
N ALA A 17 -13.55 -6.54 -2.03
CA ALA A 17 -12.26 -6.99 -2.53
C ALA A 17 -11.37 -5.80 -2.85
N MET A 18 -11.88 -4.87 -3.66
CA MET A 18 -11.15 -3.66 -4.00
C MET A 18 -10.81 -2.85 -2.74
N ALA A 19 -11.76 -2.76 -1.82
CA ALA A 19 -11.55 -2.07 -0.56
C ALA A 19 -10.44 -2.73 0.24
N GLY A 20 -10.41 -4.06 0.20
CA GLY A 20 -9.37 -4.82 0.85
C GLY A 20 -8.03 -4.54 0.20
N ASN A 21 -8.06 -4.28 -1.11
CA ASN A 21 -6.88 -3.89 -1.87
C ASN A 21 -6.34 -2.55 -1.36
N ALA A 22 -7.23 -1.56 -1.28
CA ALA A 22 -6.86 -0.22 -0.86
C ALA A 22 -6.54 -0.14 0.63
N VAL A 23 -7.52 -0.51 1.46
CA VAL A 23 -7.37 -0.44 2.91
C VAL A 23 -6.30 -1.41 3.42
N GLY A 24 -5.14 -0.87 3.79
CA GLY A 24 -4.05 -1.69 4.26
C GLY A 24 -3.15 -1.01 5.28
N LEU A 25 -1.91 -1.45 5.36
CA LEU A 25 -0.94 -0.89 6.28
C LEU A 25 -0.78 0.61 6.09
N GLY A 26 -1.02 1.08 4.87
CA GLY A 26 -0.88 2.49 4.54
C GLY A 26 -1.87 3.39 5.27
N ASN A 27 -2.94 2.80 5.79
CA ASN A 27 -3.97 3.56 6.47
C ASN A 27 -3.68 3.75 7.95
N PHE A 28 -3.12 2.71 8.56
CA PHE A 28 -2.91 2.71 10.01
C PHE A 28 -1.46 2.94 10.41
N LEU A 29 -0.56 2.92 9.43
CA LEU A 29 0.86 3.14 9.70
C LEU A 29 1.41 4.37 8.97
N ARG A 30 1.31 4.36 7.65
CA ARG A 30 1.86 5.44 6.83
C ARG A 30 1.12 6.76 7.06
N PHE A 31 -0.20 6.73 6.96
CA PHE A 31 -1.00 7.95 7.03
C PHE A 31 -0.80 8.77 8.31
N PRO A 32 -0.86 8.11 9.48
CA PRO A 32 -0.65 8.87 10.73
C PRO A 32 0.71 9.58 10.74
N VAL A 33 1.74 8.88 10.28
CA VAL A 33 3.08 9.45 10.23
C VAL A 33 3.14 10.64 9.28
N GLN A 34 2.63 10.45 8.07
CA GLN A 34 2.65 11.51 7.06
C GLN A 34 1.91 12.74 7.52
N ALA A 35 0.75 12.52 8.14
CA ALA A 35 -0.09 13.61 8.63
C ALA A 35 0.57 14.34 9.80
N ALA A 36 1.23 13.57 10.68
CA ALA A 36 1.88 14.16 11.84
C ALA A 36 3.12 14.97 11.45
N GLU A 37 3.90 14.45 10.51
CA GLU A 37 5.11 15.12 10.05
C GLU A 37 4.80 16.41 9.30
N ASN A 38 3.62 16.47 8.69
CA ASN A 38 3.25 17.61 7.87
C ASN A 38 2.29 18.59 8.54
N GLY A 39 2.29 18.59 9.88
CA GLY A 39 1.54 19.57 10.64
C GLY A 39 0.07 19.26 10.81
N GLY A 40 -0.28 17.98 10.77
CA GLY A 40 -1.65 17.56 10.99
C GLY A 40 -2.64 18.13 9.99
N GLY A 41 -3.46 19.08 10.46
CA GLY A 41 -4.48 19.70 9.64
C GLY A 41 -3.93 20.31 8.36
N ALA A 42 -2.74 20.91 8.45
CA ALA A 42 -2.11 21.53 7.30
C ALA A 42 -1.92 20.54 6.16
N PHE A 43 -1.82 19.27 6.52
CA PHE A 43 -1.60 18.19 5.55
C PHE A 43 -2.91 17.76 4.89
N MET A 44 -4.02 17.95 5.59
CA MET A 44 -5.31 17.48 5.13
C MET A 44 -5.75 18.14 3.82
N ILE A 45 -5.75 19.47 3.79
CA ILE A 45 -6.17 20.19 2.60
C ILE A 45 -5.54 19.61 1.34
N PRO A 46 -4.20 19.71 1.21
CA PRO A 46 -3.56 19.15 0.02
C PRO A 46 -4.03 17.72 -0.19
N TYR A 47 -4.00 16.94 0.88
CA TYR A 47 -4.46 15.56 0.84
C TYR A 47 -5.78 15.47 0.08
N ILE A 48 -6.79 16.15 0.59
CA ILE A 48 -8.12 16.14 -0.03
C ILE A 48 -8.02 16.48 -1.50
N ILE A 49 -7.31 17.56 -1.80
CA ILE A 49 -7.15 17.99 -3.18
C ILE A 49 -6.50 16.89 -4.00
N ALA A 50 -5.45 16.29 -3.45
CA ALA A 50 -4.74 15.22 -4.13
C ALA A 50 -5.67 14.04 -4.37
N PHE A 51 -6.66 13.89 -3.49
CA PHE A 51 -7.64 12.82 -3.61
C PHE A 51 -8.63 13.11 -4.73
N LEU A 52 -8.89 14.39 -4.97
CA LEU A 52 -9.89 14.79 -5.96
C LEU A 52 -9.30 14.90 -7.36
N LEU A 53 -8.05 15.33 -7.45
CA LEU A 53 -7.43 15.62 -8.74
C LEU A 53 -6.46 14.53 -9.20
N VAL A 54 -6.23 13.53 -8.34
CA VAL A 54 -5.29 12.47 -8.68
C VAL A 54 -5.86 11.08 -8.36
N GLY A 55 -6.24 10.88 -7.10
CA GLY A 55 -6.72 9.59 -6.64
C GLY A 55 -7.91 9.07 -7.41
N ILE A 56 -9.01 9.82 -7.40
CA ILE A 56 -10.25 9.41 -8.06
C ILE A 56 -10.09 9.15 -9.56
N PRO A 57 -9.57 10.14 -10.31
CA PRO A 57 -9.43 9.97 -11.75
C PRO A 57 -8.56 8.76 -12.11
N LEU A 58 -7.44 8.59 -11.43
CA LEU A 58 -6.57 7.44 -11.66
C LEU A 58 -7.25 6.14 -11.30
N MET A 59 -8.05 6.17 -10.23
CA MET A 59 -8.82 5.01 -9.82
C MET A 59 -9.75 4.58 -10.96
N TRP A 60 -10.59 5.50 -11.41
CA TRP A 60 -11.51 5.21 -12.52
C TRP A 60 -10.77 4.74 -13.78
N ILE A 61 -9.67 5.41 -14.10
CA ILE A 61 -8.87 5.05 -15.27
C ILE A 61 -8.35 3.62 -15.18
N GLU A 62 -7.85 3.24 -14.01
CA GLU A 62 -7.34 1.90 -13.81
C GLU A 62 -8.45 0.86 -13.84
N TRP A 63 -9.62 1.20 -13.30
CA TRP A 63 -10.78 0.32 -13.41
C TRP A 63 -11.11 0.07 -14.87
N ALA A 64 -11.17 1.16 -15.64
CA ALA A 64 -11.53 1.08 -17.05
C ALA A 64 -10.53 0.25 -17.85
N MET A 65 -9.24 0.54 -17.68
CA MET A 65 -8.20 -0.23 -18.36
C MET A 65 -8.29 -1.70 -17.97
N GLY A 66 -8.45 -1.95 -16.67
CA GLY A 66 -8.57 -3.30 -16.16
C GLY A 66 -9.69 -4.08 -16.81
N ARG A 67 -10.91 -3.53 -16.77
CA ARG A 67 -12.07 -4.20 -17.36
C ARG A 67 -11.88 -4.38 -18.87
N TYR A 68 -11.37 -3.35 -19.53
CA TYR A 68 -11.14 -3.36 -20.97
C TYR A 68 -10.23 -4.53 -21.36
N GLY A 69 -9.09 -4.64 -20.68
CA GLY A 69 -8.15 -5.71 -20.95
C GLY A 69 -8.72 -7.07 -20.59
N GLY A 70 -9.40 -7.14 -19.45
CA GLY A 70 -9.99 -8.38 -18.99
C GLY A 70 -11.00 -8.95 -19.97
N ALA A 71 -11.74 -8.07 -20.63
CA ALA A 71 -12.71 -8.50 -21.64
C ALA A 71 -12.05 -9.28 -22.75
N GLN A 72 -10.74 -9.06 -22.94
CA GLN A 72 -10.00 -9.73 -24.00
C GLN A 72 -9.06 -10.80 -23.44
N GLY A 73 -9.19 -11.08 -22.15
CA GLY A 73 -8.40 -12.13 -21.51
C GLY A 73 -7.04 -11.69 -21.04
N HIS A 74 -6.89 -10.39 -20.79
CA HIS A 74 -5.61 -9.85 -20.32
C HIS A 74 -5.80 -9.00 -19.07
N GLY A 75 -5.10 -9.35 -18.00
CA GLY A 75 -5.25 -8.66 -16.73
C GLY A 75 -4.07 -7.80 -16.32
N THR A 76 -3.00 -7.84 -17.10
CA THR A 76 -1.79 -7.10 -16.77
C THR A 76 -1.42 -6.07 -17.84
N THR A 77 -0.64 -5.07 -17.43
CA THR A 77 -0.29 -3.95 -18.29
C THR A 77 0.60 -4.28 -19.49
N PRO A 78 1.45 -5.32 -19.38
CA PRO A 78 2.24 -5.70 -20.55
C PRO A 78 1.38 -5.91 -21.79
N ALA A 79 0.22 -6.54 -21.62
CA ALA A 79 -0.68 -6.80 -22.74
C ALA A 79 -1.67 -5.67 -22.96
N ILE A 80 -2.19 -5.12 -21.86
CA ILE A 80 -3.18 -4.05 -21.92
C ILE A 80 -2.63 -2.80 -22.61
N PHE A 81 -1.42 -2.40 -22.23
CA PHE A 81 -0.76 -1.27 -22.86
C PHE A 81 -0.65 -1.48 -24.36
N TYR A 82 -0.42 -2.73 -24.75
CA TYR A 82 -0.28 -3.07 -26.16
C TYR A 82 -1.62 -3.00 -26.87
N LEU A 83 -2.68 -3.40 -26.17
CA LEU A 83 -4.03 -3.32 -26.73
C LEU A 83 -4.44 -1.86 -26.93
N LEU A 84 -4.02 -1.00 -26.01
CA LEU A 84 -4.33 0.43 -26.09
C LEU A 84 -3.38 1.15 -27.05
N TRP A 85 -2.19 0.59 -27.21
CA TRP A 85 -1.17 1.18 -28.08
C TRP A 85 -0.28 0.10 -28.68
N ARG A 86 -0.32 -0.03 -30.00
CA ARG A 86 0.45 -1.05 -30.70
C ARG A 86 1.93 -0.65 -30.82
N ASN A 87 2.75 -1.21 -29.92
CA ASN A 87 4.17 -0.92 -29.90
C ASN A 87 4.87 -1.74 -28.82
N ARG A 88 6.02 -2.30 -29.17
CA ARG A 88 6.84 -3.06 -28.23
C ARG A 88 7.13 -2.25 -26.98
N PHE A 89 7.49 -0.98 -27.19
CA PHE A 89 7.82 -0.08 -26.10
C PHE A 89 6.67 0.00 -25.10
N ALA A 90 5.45 -0.21 -25.58
CA ALA A 90 4.28 -0.24 -24.72
C ALA A 90 4.31 -1.45 -23.79
N LYS A 91 4.80 -2.57 -24.29
CA LYS A 91 4.98 -3.77 -23.48
C LYS A 91 6.11 -3.56 -22.47
N ILE A 92 7.20 -2.97 -22.94
CA ILE A 92 8.35 -2.70 -22.08
C ILE A 92 7.94 -1.82 -20.91
N LEU A 93 7.13 -0.79 -21.19
CA LEU A 93 6.57 0.05 -20.14
C LEU A 93 5.61 -0.75 -19.28
N GLY A 94 4.88 -1.66 -19.91
CA GLY A 94 3.93 -2.50 -19.21
C GLY A 94 4.59 -3.41 -18.19
N VAL A 95 5.88 -3.67 -18.38
CA VAL A 95 6.62 -4.51 -17.45
C VAL A 95 6.56 -3.98 -16.01
N PHE A 96 6.52 -2.66 -15.88
CA PHE A 96 6.46 -2.01 -14.58
C PHE A 96 5.21 -2.42 -13.81
N GLY A 97 4.16 -2.80 -14.54
CA GLY A 97 2.91 -3.23 -13.94
C GLY A 97 3.03 -4.57 -13.24
N LEU A 98 4.19 -5.20 -13.38
CA LEU A 98 4.49 -6.44 -12.68
C LEU A 98 5.66 -6.22 -11.74
N TRP A 99 6.65 -5.48 -12.23
CA TRP A 99 7.85 -5.16 -11.46
C TRP A 99 7.49 -4.44 -10.17
N ILE A 100 6.67 -3.41 -10.27
CA ILE A 100 6.28 -2.62 -9.11
C ILE A 100 5.57 -3.45 -8.04
N PRO A 101 4.46 -4.13 -8.42
CA PRO A 101 3.73 -4.91 -7.41
C PRO A 101 4.58 -6.06 -6.85
N LEU A 102 5.45 -6.64 -7.66
CA LEU A 102 6.33 -7.70 -7.18
C LEU A 102 7.31 -7.17 -6.12
N VAL A 103 8.07 -6.15 -6.50
CA VAL A 103 9.04 -5.53 -5.60
C VAL A 103 8.39 -5.06 -4.30
N VAL A 104 7.24 -4.39 -4.42
CA VAL A 104 6.53 -3.90 -3.24
C VAL A 104 6.07 -5.06 -2.37
N ALA A 105 5.53 -6.11 -3.00
CA ALA A 105 5.11 -7.30 -2.28
C ALA A 105 6.25 -7.87 -1.46
N ILE A 106 7.44 -7.90 -2.06
CA ILE A 106 8.62 -8.47 -1.41
C ILE A 106 8.79 -8.05 0.06
N TYR A 107 8.74 -6.75 0.32
CA TYR A 107 8.90 -6.25 1.70
C TYR A 107 7.57 -6.08 2.42
N TYR A 108 6.53 -5.72 1.66
CA TYR A 108 5.21 -5.49 2.23
C TYR A 108 4.73 -6.74 2.99
N VAL A 109 4.86 -7.90 2.35
CA VAL A 109 4.47 -9.16 2.97
C VAL A 109 5.28 -9.41 4.24
N TYR A 110 6.52 -8.97 4.25
CA TYR A 110 7.40 -9.15 5.40
C TYR A 110 6.92 -8.30 6.58
N ILE A 111 6.59 -7.04 6.32
CA ILE A 111 6.03 -6.18 7.35
C ILE A 111 4.74 -6.80 7.89
N GLU A 112 3.91 -7.30 6.97
CA GLU A 112 2.70 -8.01 7.34
C GLU A 112 3.01 -9.14 8.31
N SER A 113 4.04 -9.91 8.00
CA SER A 113 4.45 -11.01 8.88
C SER A 113 4.85 -10.46 10.23
N TRP A 114 5.47 -9.28 10.25
CA TRP A 114 5.76 -8.61 11.51
C TRP A 114 4.48 -8.46 12.32
N THR A 115 3.47 -7.86 11.70
CA THR A 115 2.20 -7.64 12.40
C THR A 115 1.59 -8.95 12.90
N LEU A 116 1.74 -10.01 12.12
CA LEU A 116 1.24 -11.32 12.54
C LEU A 116 1.98 -11.81 13.80
N GLY A 117 3.31 -11.77 13.75
CA GLY A 117 4.12 -12.21 14.87
C GLY A 117 3.80 -11.45 16.14
N PHE A 118 3.74 -10.12 16.03
CA PHE A 118 3.37 -9.28 17.16
C PHE A 118 1.98 -9.64 17.67
N ALA A 119 1.06 -9.90 16.75
CA ALA A 119 -0.29 -10.32 17.10
C ALA A 119 -0.23 -11.56 17.99
N ILE A 120 0.50 -12.57 17.54
CA ILE A 120 0.63 -13.82 18.28
C ILE A 120 1.23 -13.60 19.66
N LYS A 121 2.40 -12.97 19.71
CA LYS A 121 3.11 -12.76 20.97
C LYS A 121 2.28 -11.94 21.96
N PHE A 122 1.54 -10.97 21.45
CA PHE A 122 0.68 -10.15 22.30
C PHE A 122 -0.54 -10.92 22.80
N LEU A 123 -1.04 -11.82 21.96
CA LEU A 123 -2.16 -12.67 22.36
C LEU A 123 -1.73 -13.61 23.48
N VAL A 124 -0.59 -14.27 23.30
CA VAL A 124 -0.09 -15.21 24.29
C VAL A 124 0.44 -14.49 25.53
N GLY A 125 0.72 -13.21 25.39
CA GLY A 125 1.17 -12.39 26.50
C GLY A 125 2.68 -12.34 26.67
N LEU A 126 3.40 -12.72 25.62
CA LEU A 126 4.86 -12.67 25.64
C LEU A 126 5.37 -11.31 25.18
N VAL A 127 5.32 -10.35 26.09
CA VAL A 127 5.71 -8.97 25.77
C VAL A 127 6.55 -8.37 26.89
N PRO A 128 7.28 -7.29 26.59
CA PRO A 128 8.07 -6.59 27.61
C PRO A 128 7.16 -5.96 28.66
N GLU A 129 7.63 -5.91 29.91
CA GLU A 129 6.80 -5.41 31.00
C GLU A 129 7.38 -4.14 31.62
N PRO A 130 6.88 -2.97 31.19
CA PRO A 130 7.29 -1.68 31.76
C PRO A 130 6.83 -1.53 33.20
N PRO A 131 7.53 -0.69 33.99
CA PRO A 131 7.18 -0.44 35.39
C PRO A 131 5.72 -0.01 35.55
N THR A 135 7.31 6.04 35.35
CA THR A 135 6.75 7.31 34.88
C THR A 135 7.67 8.00 33.88
N ASP A 136 8.81 7.38 33.60
CA ASP A 136 9.76 7.92 32.64
C ASP A 136 9.46 7.36 31.25
N PRO A 137 9.22 8.25 30.27
CA PRO A 137 8.86 7.85 28.89
C PRO A 137 9.93 7.02 28.19
N ASP A 138 11.12 7.59 28.06
CA ASP A 138 12.25 6.89 27.43
C ASP A 138 12.32 5.45 27.93
N SER A 139 12.15 5.29 29.24
CA SER A 139 12.08 3.96 29.84
C SER A 139 10.94 3.17 29.21
N ILE A 140 9.70 3.56 29.49
CA ILE A 140 8.53 2.84 28.99
C ILE A 140 8.66 2.40 27.52
N LEU A 141 9.31 3.23 26.72
CA LEU A 141 9.47 2.94 25.30
C LEU A 141 10.64 1.97 25.02
N ARG A 142 11.67 2.05 25.86
CA ARG A 142 12.89 1.26 25.68
C ARG A 142 12.65 -0.24 25.50
N PRO A 143 11.94 -0.88 26.46
CA PRO A 143 11.70 -2.32 26.37
C PRO A 143 11.06 -2.71 25.05
N PHE A 144 10.10 -1.92 24.58
CA PHE A 144 9.41 -2.22 23.33
C PHE A 144 10.31 -1.99 22.13
N LYS A 145 11.18 -0.98 22.21
CA LYS A 145 12.17 -0.77 21.15
C LYS A 145 13.09 -1.97 21.04
N GLU A 146 13.58 -2.44 22.19
CA GLU A 146 14.44 -3.63 22.24
C GLU A 146 13.68 -4.85 21.76
N PHE A 147 12.38 -4.86 21.99
CA PHE A 147 11.52 -5.97 21.58
C PHE A 147 11.46 -6.05 20.05
N LEU A 148 11.15 -4.92 19.44
CA LEU A 148 11.09 -4.84 17.98
C LEU A 148 12.45 -5.16 17.36
N TYR A 149 13.50 -4.53 17.89
CA TYR A 149 14.85 -4.74 17.40
C TYR A 149 15.28 -6.20 17.49
N SER A 150 14.89 -6.87 18.58
CA SER A 150 15.20 -8.28 18.76
C SER A 150 14.40 -9.12 17.77
N TYR A 151 13.17 -8.67 17.47
CA TYR A 151 12.32 -9.40 16.54
C TYR A 151 12.87 -9.37 15.13
N ILE A 152 13.17 -8.18 14.62
CA ILE A 152 13.64 -8.05 13.24
C ILE A 152 15.17 -8.05 13.13
N GLY A 153 15.85 -8.15 14.26
CA GLY A 153 17.30 -8.22 14.29
C GLY A 153 18.00 -6.95 13.85
N VAL A 154 17.75 -5.87 14.59
CA VAL A 154 18.40 -4.58 14.30
C VAL A 154 19.73 -4.48 15.03
N PRO A 155 20.79 -4.12 14.29
CA PRO A 155 22.14 -3.98 14.84
C PRO A 155 22.27 -2.79 15.79
N LYS A 156 23.23 -2.86 16.70
CA LYS A 156 23.45 -1.79 17.67
C LYS A 156 23.62 -0.44 16.98
N GLY A 157 24.78 -0.25 16.36
CA GLY A 157 25.03 0.95 15.57
C GLY A 157 24.37 0.85 14.21
N ASP A 158 24.97 1.46 13.20
CA ASP A 158 24.47 1.34 11.84
C ASP A 158 25.26 0.29 11.07
N GLU A 159 24.80 -0.95 11.15
CA GLU A 159 25.45 -2.07 10.46
C GLU A 159 24.56 -2.64 9.37
N PRO A 160 25.18 -3.15 8.29
CA PRO A 160 24.45 -3.59 7.10
C PRO A 160 23.69 -4.91 7.26
N ILE A 161 24.09 -5.73 8.24
CA ILE A 161 23.50 -7.06 8.39
C ILE A 161 22.43 -7.13 9.47
N LEU A 162 21.25 -7.62 9.09
CA LEU A 162 20.16 -7.84 10.03
C LEU A 162 20.12 -9.30 10.46
N LYS A 163 19.82 -9.55 11.73
CA LYS A 163 19.76 -10.90 12.25
C LYS A 163 18.37 -11.23 12.78
N PRO A 164 17.42 -11.50 11.87
CA PRO A 164 16.04 -11.81 12.23
C PRO A 164 15.96 -13.06 13.10
N SER A 165 15.15 -13.00 14.15
CA SER A 165 14.97 -14.16 15.02
C SER A 165 14.31 -15.30 14.27
N LEU A 166 14.49 -16.53 14.76
CA LEU A 166 13.91 -17.70 14.15
C LEU A 166 12.38 -17.57 14.10
N PHE A 167 11.81 -17.01 15.14
CA PHE A 167 10.37 -16.83 15.24
C PHE A 167 9.84 -15.93 14.13
N ALA A 168 10.57 -14.85 13.84
CA ALA A 168 10.18 -13.94 12.78
C ALA A 168 10.21 -14.62 11.42
N TYR A 169 11.24 -15.43 11.19
CA TYR A 169 11.39 -16.17 9.94
C TYR A 169 10.23 -17.15 9.76
N ILE A 170 10.01 -17.99 10.77
CA ILE A 170 8.92 -18.96 10.74
C ILE A 170 7.58 -18.28 10.52
N VAL A 171 7.35 -17.18 11.21
CA VAL A 171 6.12 -16.41 11.06
C VAL A 171 5.99 -15.86 9.64
N PHE A 172 7.11 -15.52 9.03
CA PHE A 172 7.11 -15.08 7.64
C PHE A 172 6.67 -16.22 6.72
N LEU A 173 7.22 -17.41 6.96
CA LEU A 173 6.80 -18.60 6.22
C LEU A 173 5.29 -18.80 6.34
N ILE A 174 4.79 -18.72 7.57
CA ILE A 174 3.37 -18.87 7.83
C ILE A 174 2.56 -17.84 7.04
N THR A 175 3.00 -16.59 7.08
CA THR A 175 2.32 -15.52 6.36
C THR A 175 2.22 -15.85 4.88
N MET A 176 3.35 -16.26 4.30
CA MET A 176 3.37 -16.67 2.90
C MET A 176 2.35 -17.79 2.67
N PHE A 177 2.29 -18.75 3.61
CA PHE A 177 1.35 -19.85 3.50
C PHE A 177 -0.10 -19.37 3.47
N ILE A 178 -0.41 -18.37 4.29
CA ILE A 178 -1.76 -17.83 4.35
C ILE A 178 -2.11 -17.13 3.04
N ASN A 179 -1.21 -16.25 2.59
CA ASN A 179 -1.37 -15.60 1.30
C ASN A 179 -1.65 -16.61 0.19
N VAL A 180 -0.83 -17.65 0.13
CA VAL A 180 -1.00 -18.71 -0.86
C VAL A 180 -2.36 -19.38 -0.73
N SER A 181 -2.71 -19.76 0.49
CA SER A 181 -3.97 -20.48 0.74
C SER A 181 -5.16 -19.67 0.29
N ILE A 182 -5.05 -18.34 0.36
CA ILE A 182 -6.12 -17.48 -0.14
C ILE A 182 -6.09 -17.36 -1.67
N LEU A 183 -4.91 -17.04 -2.20
CA LEU A 183 -4.77 -16.79 -3.63
C LEU A 183 -5.00 -18.03 -4.50
N ILE A 184 -4.74 -19.21 -3.94
CA ILE A 184 -4.79 -20.45 -4.70
C ILE A 184 -6.21 -20.86 -5.04
N ARG A 185 -7.19 -20.31 -4.35
CA ARG A 185 -8.59 -20.66 -4.57
C ARG A 185 -9.16 -19.89 -5.76
N GLY A 186 -8.61 -18.71 -6.02
CA GLY A 186 -9.04 -17.93 -7.16
C GLY A 186 -9.60 -16.58 -6.79
N ILE A 187 -10.29 -15.96 -7.75
CA ILE A 187 -10.85 -14.63 -7.54
C ILE A 187 -12.07 -14.65 -6.62
N SER A 188 -13.06 -15.46 -6.98
CA SER A 188 -14.31 -15.50 -6.22
C SER A 188 -14.25 -16.44 -5.01
N LYS A 189 -13.68 -17.63 -5.21
CA LYS A 189 -13.57 -18.60 -4.12
C LYS A 189 -12.56 -18.18 -3.06
N GLY A 190 -11.49 -17.50 -3.50
CA GLY A 190 -10.41 -17.15 -2.60
C GLY A 190 -10.47 -15.73 -2.09
N ILE A 191 -10.24 -14.77 -2.98
CA ILE A 191 -10.15 -13.37 -2.60
C ILE A 191 -11.48 -12.79 -2.11
N GLU A 192 -12.55 -13.07 -2.85
CA GLU A 192 -13.87 -12.53 -2.55
C GLU A 192 -14.39 -13.05 -1.21
N ARG A 193 -14.43 -14.39 -1.09
CA ARG A 193 -14.82 -15.05 0.15
C ARG A 193 -14.08 -14.46 1.34
N PHE A 194 -12.76 -14.36 1.25
CA PHE A 194 -11.95 -13.84 2.34
C PHE A 194 -12.28 -12.38 2.63
N ALA A 195 -12.51 -11.60 1.58
CA ALA A 195 -12.82 -10.19 1.72
C ALA A 195 -14.10 -9.99 2.52
N LYS A 196 -15.13 -10.76 2.19
CA LYS A 196 -16.44 -10.65 2.84
C LYS A 196 -16.38 -10.85 4.35
N ILE A 197 -15.26 -11.35 4.85
CA ILE A 197 -15.09 -11.57 6.29
C ILE A 197 -14.06 -10.60 6.86
N ALA A 198 -12.88 -10.59 6.26
CA ALA A 198 -11.77 -9.78 6.70
C ALA A 198 -12.13 -8.30 6.73
N MET A 199 -12.92 -7.84 5.75
CA MET A 199 -13.28 -6.43 5.71
C MET A 199 -14.17 -6.02 6.88
N PRO A 200 -15.31 -6.71 7.07
CA PRO A 200 -16.16 -6.41 8.22
C PRO A 200 -15.38 -6.51 9.53
N THR A 201 -14.65 -7.61 9.71
CA THR A 201 -13.83 -7.79 10.91
C THR A 201 -12.94 -6.57 11.13
N LEU A 202 -12.30 -6.13 10.05
CA LEU A 202 -11.36 -5.02 10.08
C LEU A 202 -12.05 -3.73 10.51
N PHE A 203 -13.22 -3.45 9.94
CA PHE A 203 -13.96 -2.25 10.29
C PHE A 203 -14.39 -2.26 11.76
N ILE A 204 -14.84 -3.43 12.23
CA ILE A 204 -15.25 -3.57 13.62
C ILE A 204 -14.08 -3.32 14.57
N LEU A 205 -12.98 -4.02 14.35
CA LEU A 205 -11.78 -3.83 15.17
C LEU A 205 -11.33 -2.37 15.15
N ALA A 206 -11.36 -1.76 13.97
CA ALA A 206 -10.95 -0.38 13.81
C ALA A 206 -11.82 0.55 14.66
N VAL A 207 -13.14 0.39 14.55
CA VAL A 207 -14.07 1.21 15.33
C VAL A 207 -13.82 1.03 16.82
N PHE A 208 -13.73 -0.22 17.26
CA PHE A 208 -13.46 -0.51 18.67
C PHE A 208 -12.21 0.21 19.15
N LEU A 209 -11.11 0.05 18.42
CA LEU A 209 -9.86 0.69 18.78
C LEU A 209 -9.99 2.22 18.82
N VAL A 210 -10.71 2.77 17.85
CA VAL A 210 -10.95 4.21 17.80
C VAL A 210 -11.62 4.69 19.07
N ILE A 211 -12.71 4.02 19.45
CA ILE A 211 -13.45 4.38 20.65
C ILE A 211 -12.61 4.24 21.91
N ARG A 212 -11.91 3.11 22.03
CA ARG A 212 -11.06 2.86 23.19
C ARG A 212 -9.97 3.92 23.34
N VAL A 213 -9.37 4.29 22.21
CA VAL A 213 -8.32 5.30 22.21
C VAL A 213 -8.88 6.67 22.57
N PHE A 214 -10.08 6.96 22.08
CA PHE A 214 -10.72 8.24 22.35
C PHE A 214 -10.97 8.44 23.85
N LEU A 215 -11.00 7.35 24.59
CA LEU A 215 -11.26 7.39 26.02
C LEU A 215 -9.97 7.62 26.82
N LEU A 216 -8.86 7.74 26.12
CA LEU A 216 -7.56 7.93 26.76
C LEU A 216 -7.34 9.39 27.12
N GLU A 217 -7.16 9.65 28.42
CA GLU A 217 -6.97 11.01 28.91
C GLU A 217 -6.01 11.02 30.10
N THR A 218 -5.00 11.88 30.03
CA THR A 218 -3.97 11.96 31.07
C THR A 218 -3.61 13.40 31.36
N PRO A 219 -2.81 13.63 32.42
CA PRO A 219 -2.32 14.98 32.74
C PRO A 219 -1.43 15.56 31.64
N ASN A 220 -1.01 14.72 30.69
CA ASN A 220 -0.16 15.18 29.60
C ASN A 220 -0.94 15.52 28.33
N GLY A 221 -2.19 15.09 28.26
CA GLY A 221 -3.03 15.37 27.12
C GLY A 221 -4.17 14.38 26.95
N THR A 222 -4.94 14.54 25.87
CA THR A 222 -6.05 13.64 25.58
C THR A 222 -6.07 13.29 24.10
N ALA A 223 -6.83 12.26 23.75
CA ALA A 223 -6.99 11.86 22.35
C ALA A 223 -7.69 12.95 21.55
N ALA A 224 -8.63 13.63 22.21
CA ALA A 224 -9.36 14.72 21.58
C ALA A 224 -8.39 15.80 21.10
N ASP A 225 -7.32 16.00 21.84
CA ASP A 225 -6.28 16.95 21.44
C ASP A 225 -5.64 16.49 20.13
N GLY A 226 -5.42 15.19 20.02
CA GLY A 226 -4.86 14.62 18.79
C GLY A 226 -5.80 14.83 17.62
N LEU A 227 -7.08 14.59 17.85
CA LEU A 227 -8.09 14.78 16.81
C LEU A 227 -8.14 16.24 16.35
N ASN A 228 -8.07 17.17 17.31
CA ASN A 228 -8.03 18.58 16.99
C ASN A 228 -6.80 18.94 16.16
N PHE A 229 -5.63 18.51 16.64
CA PHE A 229 -4.38 18.74 15.93
C PHE A 229 -4.45 18.24 14.50
N LEU A 230 -5.10 17.09 14.31
CA LEU A 230 -5.20 16.48 12.99
C LEU A 230 -6.23 17.18 12.11
N TRP A 231 -7.23 17.79 12.74
CA TRP A 231 -8.32 18.43 11.99
C TRP A 231 -8.33 19.95 12.09
N THR A 232 -7.24 20.53 12.58
CA THR A 232 -7.13 21.98 12.66
C THR A 232 -6.27 22.52 11.51
N PRO A 233 -6.92 23.24 10.58
CA PRO A 233 -6.28 23.77 9.37
C PRO A 233 -5.08 24.68 9.66
N ASP A 234 -4.10 24.66 8.76
CA ASP A 234 -2.95 25.54 8.85
C ASP A 234 -2.51 25.92 7.44
N PHE A 235 -2.64 27.20 7.11
CA PHE A 235 -2.39 27.67 5.76
C PHE A 235 -0.96 28.15 5.54
N GLU A 236 -0.13 28.02 6.57
CA GLU A 236 1.26 28.44 6.48
C GLU A 236 2.12 27.37 5.82
N LYS A 237 1.57 26.16 5.72
CA LYS A 237 2.28 25.03 5.12
C LYS A 237 1.86 24.80 3.67
N LEU A 238 0.91 25.61 3.19
CA LEU A 238 0.42 25.49 1.83
C LEU A 238 1.48 25.92 0.81
N LYS A 239 2.47 26.67 1.27
CA LYS A 239 3.55 27.15 0.40
C LYS A 239 4.72 26.16 0.40
N ASP A 240 4.59 25.10 1.18
CA ASP A 240 5.61 24.08 1.26
C ASP A 240 5.32 22.95 0.27
N PRO A 241 6.15 22.85 -0.79
CA PRO A 241 5.99 21.81 -1.82
C PRO A 241 6.04 20.41 -1.22
N GLY A 242 6.86 20.24 -0.18
CA GLY A 242 7.01 18.95 0.47
C GLY A 242 5.70 18.39 0.99
N VAL A 243 4.84 19.26 1.49
CA VAL A 243 3.53 18.84 1.99
C VAL A 243 2.67 18.28 0.87
N TRP A 244 2.67 18.96 -0.27
CA TRP A 244 1.91 18.52 -1.42
C TRP A 244 2.45 17.20 -1.95
N ILE A 245 3.77 17.09 -2.04
CA ILE A 245 4.41 15.88 -2.49
C ILE A 245 4.04 14.70 -1.59
N ALA A 246 4.07 14.94 -0.28
CA ALA A 246 3.73 13.92 0.70
C ALA A 246 2.26 13.52 0.56
N ALA A 247 1.41 14.50 0.30
CA ALA A 247 -0.02 14.25 0.11
C ALA A 247 -0.26 13.35 -1.10
N VAL A 248 0.31 13.74 -2.24
CA VAL A 248 0.17 12.97 -3.46
C VAL A 248 0.71 11.55 -3.28
N GLY A 249 1.89 11.44 -2.68
CA GLY A 249 2.50 10.15 -2.42
C GLY A 249 1.59 9.27 -1.57
N GLN A 250 1.03 9.85 -0.53
CA GLN A 250 0.12 9.13 0.35
C GLN A 250 -1.13 8.68 -0.41
N ILE A 251 -1.60 9.51 -1.32
CA ILE A 251 -2.76 9.17 -2.14
C ILE A 251 -2.46 7.97 -3.05
N PHE A 252 -1.32 8.02 -3.73
CA PHE A 252 -0.89 6.91 -4.57
C PHE A 252 -0.79 5.63 -3.77
N ALA A 253 -0.13 5.72 -2.61
CA ALA A 253 0.10 4.54 -1.78
C ALA A 253 -1.20 3.93 -1.25
N THR A 254 -2.06 4.77 -0.67
CA THR A 254 -3.26 4.29 0.01
C THR A 254 -4.34 3.79 -0.94
N LEU A 255 -4.38 4.32 -2.15
CA LEU A 255 -5.39 3.90 -3.12
C LEU A 255 -4.88 2.82 -4.06
N SER A 256 -3.67 2.31 -3.78
CA SER A 256 -3.07 1.27 -4.60
C SER A 256 -2.95 1.68 -6.06
N LEU A 257 -2.69 2.96 -6.30
CA LEU A 257 -2.56 3.48 -7.65
C LEU A 257 -1.12 3.36 -8.16
N GLY A 258 -0.99 2.93 -9.41
CA GLY A 258 0.32 2.78 -10.03
C GLY A 258 0.98 1.45 -9.69
N PHE A 259 0.25 0.59 -8.97
CA PHE A 259 0.78 -0.71 -8.58
C PHE A 259 0.33 -1.82 -9.53
N GLY A 260 -0.55 -1.47 -10.46
CA GLY A 260 -1.09 -2.44 -11.39
C GLY A 260 -2.05 -3.42 -10.75
N ALA A 261 -2.29 -3.22 -9.45
CA ALA A 261 -3.19 -4.09 -8.70
C ALA A 261 -4.65 -3.81 -9.03
N ILE A 262 -5.03 -2.54 -8.98
CA ILE A 262 -6.39 -2.14 -9.30
C ILE A 262 -6.78 -2.64 -10.69
N ILE A 263 -5.88 -2.49 -11.65
CA ILE A 263 -6.12 -2.94 -13.02
C ILE A 263 -6.41 -4.44 -13.07
N THR A 264 -5.53 -5.22 -12.44
CA THR A 264 -5.66 -6.67 -12.43
C THR A 264 -6.97 -7.11 -11.78
N TYR A 265 -7.31 -6.51 -10.64
CA TYR A 265 -8.57 -6.80 -9.99
C TYR A 265 -9.75 -6.44 -10.89
N ALA A 266 -9.61 -5.36 -11.64
CA ALA A 266 -10.67 -4.88 -12.52
C ALA A 266 -10.85 -5.77 -13.74
N SER A 267 -9.79 -6.49 -14.12
CA SER A 267 -9.84 -7.35 -15.29
C SER A 267 -10.81 -8.52 -15.08
N TYR A 268 -11.18 -8.77 -13.83
CA TYR A 268 -12.11 -9.85 -13.51
C TYR A 268 -13.53 -9.33 -13.35
N VAL A 269 -13.74 -8.07 -13.71
CA VAL A 269 -15.07 -7.49 -13.73
C VAL A 269 -15.66 -7.64 -15.13
N ARG A 270 -16.85 -8.24 -15.21
CA ARG A 270 -17.49 -8.47 -16.50
C ARG A 270 -17.57 -7.19 -17.33
N LYS A 271 -17.44 -7.34 -18.65
CA LYS A 271 -17.39 -6.21 -19.57
C LYS A 271 -18.56 -5.24 -19.40
N ASP A 272 -19.73 -5.80 -19.05
CA ASP A 272 -20.95 -5.01 -18.96
C ASP A 272 -21.15 -4.36 -17.59
N GLN A 273 -20.43 -4.84 -16.58
CA GLN A 273 -20.59 -4.32 -15.23
C GLN A 273 -19.99 -2.93 -15.06
N ASP A 274 -20.65 -2.12 -14.24
CA ASP A 274 -20.21 -0.76 -13.97
C ASP A 274 -18.91 -0.73 -13.17
N ILE A 275 -18.05 0.23 -13.50
CA ILE A 275 -16.79 0.40 -12.76
C ILE A 275 -16.70 1.78 -12.14
N VAL A 276 -17.72 2.61 -12.39
CA VAL A 276 -17.74 3.97 -11.86
C VAL A 276 -18.16 4.01 -10.39
N LEU A 277 -19.38 3.59 -10.12
CA LEU A 277 -19.90 3.61 -8.76
C LEU A 277 -19.13 2.66 -7.86
N SER A 278 -18.74 1.51 -8.40
CA SER A 278 -17.98 0.52 -7.65
C SER A 278 -16.62 1.09 -7.21
N GLY A 279 -15.89 1.65 -8.18
CA GLY A 279 -14.61 2.26 -7.91
C GLY A 279 -14.74 3.39 -6.92
N LEU A 280 -15.70 4.29 -7.14
CA LEU A 280 -15.93 5.41 -6.25
C LEU A 280 -16.21 4.93 -4.82
N THR A 281 -16.97 3.84 -4.71
CA THR A 281 -17.33 3.28 -3.41
C THR A 281 -16.10 2.71 -2.71
N ALA A 282 -15.27 2.00 -3.46
CA ALA A 282 -14.04 1.43 -2.92
C ALA A 282 -13.11 2.54 -2.40
N ALA A 283 -12.91 3.55 -3.23
CA ALA A 283 -12.05 4.68 -2.87
C ALA A 283 -12.59 5.40 -1.64
N THR A 284 -13.89 5.66 -1.61
CA THR A 284 -14.53 6.33 -0.49
C THR A 284 -14.36 5.52 0.81
N LEU A 285 -14.57 4.22 0.70
CA LEU A 285 -14.37 3.32 1.85
C LEU A 285 -12.94 3.43 2.35
N ASN A 286 -11.99 3.44 1.43
CA ASN A 286 -10.59 3.57 1.80
C ASN A 286 -10.32 4.87 2.54
N GLU A 287 -10.78 5.98 1.98
CA GLU A 287 -10.59 7.29 2.60
C GLU A 287 -11.20 7.35 3.99
N LYS A 288 -12.38 6.74 4.15
CA LYS A 288 -13.01 6.67 5.45
C LYS A 288 -12.13 5.88 6.43
N ALA A 289 -11.66 4.73 6.00
CA ALA A 289 -10.81 3.88 6.83
C ALA A 289 -9.49 4.57 7.16
N GLU A 290 -9.12 5.56 6.36
CA GLU A 290 -7.84 6.25 6.52
C GLU A 290 -7.93 7.47 7.44
N VAL A 291 -8.74 8.45 7.05
CA VAL A 291 -8.81 9.71 7.78
C VAL A 291 -9.64 9.61 9.07
N ILE A 292 -10.61 8.71 9.08
CA ILE A 292 -11.50 8.56 10.23
C ILE A 292 -11.02 7.48 11.20
N LEU A 293 -10.60 6.34 10.66
CA LEU A 293 -10.16 5.23 11.49
C LEU A 293 -8.66 5.27 11.76
N GLY A 294 -7.86 5.34 10.70
CA GLY A 294 -6.42 5.34 10.84
C GLY A 294 -5.91 6.56 11.59
N GLY A 295 -6.48 7.72 11.32
CA GLY A 295 -6.04 8.96 11.92
C GLY A 295 -6.52 9.17 13.34
N SER A 296 -7.45 8.33 13.79
CA SER A 296 -8.04 8.48 15.11
C SER A 296 -7.49 7.48 16.13
N ILE A 297 -6.46 6.74 15.76
CA ILE A 297 -5.89 5.73 16.65
C ILE A 297 -4.50 6.10 17.17
N SER A 298 -3.50 5.95 16.30
CA SER A 298 -2.10 6.17 16.69
C SER A 298 -1.83 7.56 17.23
N ILE A 299 -2.05 8.57 16.40
CA ILE A 299 -1.75 9.96 16.77
C ILE A 299 -2.49 10.42 18.03
N PRO A 300 -3.83 10.24 18.07
CA PRO A 300 -4.58 10.67 19.26
C PRO A 300 -4.05 10.03 20.55
N ALA A 301 -3.59 8.78 20.46
CA ALA A 301 -3.04 8.09 21.62
C ALA A 301 -1.69 8.67 22.01
N ALA A 302 -0.80 8.81 21.04
CA ALA A 302 0.51 9.39 21.27
C ALA A 302 0.38 10.76 21.92
N VAL A 303 -0.50 11.60 21.38
CA VAL A 303 -0.75 12.93 21.92
C VAL A 303 -1.36 12.82 23.31
N ALA A 304 -2.21 11.82 23.50
CA ALA A 304 -2.88 11.61 24.77
C ALA A 304 -1.88 11.36 25.89
N PHE A 305 -0.84 10.58 25.59
CA PHE A 305 0.13 10.20 26.61
C PHE A 305 1.33 11.14 26.74
N PHE A 306 1.89 11.56 25.61
CA PHE A 306 3.10 12.37 25.61
C PHE A 306 2.86 13.82 25.23
N GLY A 307 1.70 14.09 24.60
CA GLY A 307 1.38 15.42 24.15
C GLY A 307 1.62 15.59 22.66
N VAL A 308 1.23 16.75 22.12
CA VAL A 308 1.34 17.02 20.70
C VAL A 308 2.79 17.01 20.20
N ALA A 309 3.62 17.86 20.80
CA ALA A 309 5.01 17.99 20.40
C ALA A 309 5.73 16.64 20.34
N ASN A 310 5.73 15.94 21.48
CA ASN A 310 6.38 14.64 21.57
C ASN A 310 5.81 13.63 20.57
N ALA A 311 4.51 13.75 20.30
CA ALA A 311 3.85 12.87 19.35
C ALA A 311 4.39 13.11 17.94
N VAL A 312 4.56 14.38 17.59
CA VAL A 312 5.13 14.74 16.29
C VAL A 312 6.58 14.28 16.19
N ALA A 313 7.33 14.45 17.27
CA ALA A 313 8.72 14.01 17.31
C ALA A 313 8.82 12.51 17.07
N ILE A 314 8.00 11.76 17.80
CA ILE A 314 7.95 10.31 17.64
C ILE A 314 7.56 9.93 16.22
N ALA A 315 6.60 10.67 15.65
CA ALA A 315 6.17 10.42 14.28
C ALA A 315 7.32 10.62 13.29
N LYS A 316 8.15 11.63 13.56
CA LYS A 316 9.31 11.91 12.71
C LYS A 316 10.42 10.88 12.92
N ALA A 317 10.43 10.27 14.10
CA ALA A 317 11.46 9.29 14.44
C ALA A 317 11.48 8.12 13.46
N GLY A 318 10.31 7.77 12.94
CA GLY A 318 10.20 6.68 11.99
C GLY A 318 8.76 6.27 11.73
N ALA A 319 8.58 5.37 10.77
CA ALA A 319 7.26 4.88 10.41
C ALA A 319 6.81 3.74 11.30
N PHE A 320 7.73 2.83 11.60
CA PHE A 320 7.44 1.65 12.41
C PHE A 320 7.57 1.94 13.90
N ASN A 321 8.15 3.10 14.22
CA ASN A 321 8.37 3.49 15.60
C ASN A 321 7.06 3.81 16.32
N LEU A 322 6.08 4.31 15.57
CA LEU A 322 4.79 4.68 16.14
C LEU A 322 3.87 3.47 16.28
N GLY A 323 3.89 2.59 15.28
CA GLY A 323 3.00 1.46 15.24
C GLY A 323 3.47 0.23 16.00
N PHE A 324 4.78 0.03 16.03
CA PHE A 324 5.34 -1.18 16.65
C PHE A 324 5.99 -0.93 18.01
N ILE A 325 6.20 0.33 18.36
CA ILE A 325 6.86 0.67 19.61
C ILE A 325 6.01 1.57 20.51
N THR A 326 5.76 2.79 20.05
CA THR A 326 5.07 3.78 20.86
C THR A 326 3.67 3.35 21.28
N LEU A 327 2.86 2.93 20.31
CA LEU A 327 1.47 2.57 20.60
C LEU A 327 1.33 1.43 21.60
N PRO A 328 2.03 0.30 21.37
CA PRO A 328 1.96 -0.80 22.33
C PRO A 328 2.51 -0.41 23.69
N ALA A 329 3.54 0.43 23.72
CA ALA A 329 4.10 0.91 24.97
C ALA A 329 3.07 1.73 25.73
N ILE A 330 2.25 2.46 24.98
CA ILE A 330 1.17 3.24 25.57
C ILE A 330 0.08 2.32 26.12
N PHE A 331 -0.27 1.31 25.34
CA PHE A 331 -1.29 0.35 25.75
C PHE A 331 -0.88 -0.41 27.01
N SER A 332 0.41 -0.71 27.14
CA SER A 332 0.91 -1.46 28.28
C SER A 332 0.69 -0.70 29.60
N GLN A 333 0.38 0.58 29.50
CA GLN A 333 0.15 1.41 30.68
C GLN A 333 -1.34 1.50 31.03
N THR A 334 -2.16 0.73 30.31
CA THR A 334 -3.59 0.72 30.56
C THR A 334 -4.07 -0.69 30.92
N ALA A 335 -5.22 -0.77 31.57
CA ALA A 335 -5.79 -2.05 31.96
C ALA A 335 -6.14 -2.89 30.73
N GLY A 336 -5.56 -4.08 30.66
CA GLY A 336 -5.77 -4.96 29.52
C GLY A 336 -5.14 -4.41 28.26
N GLY A 337 -4.01 -3.72 28.43
CA GLY A 337 -3.31 -3.11 27.31
C GLY A 337 -2.68 -4.11 26.37
N THR A 338 -2.31 -5.27 26.90
CA THR A 338 -1.71 -6.32 26.09
C THR A 338 -2.70 -6.83 25.04
N PHE A 339 -3.92 -7.12 25.50
CA PHE A 339 -4.98 -7.58 24.60
C PHE A 339 -5.30 -6.51 23.57
N LEU A 340 -5.28 -5.25 24.00
CA LEU A 340 -5.54 -4.13 23.11
C LEU A 340 -4.48 -4.10 22.01
N GLY A 341 -3.22 -4.26 22.41
CA GLY A 341 -2.13 -4.36 21.46
C GLY A 341 -2.39 -5.48 20.48
N PHE A 342 -2.82 -6.63 21.00
CA PHE A 342 -3.16 -7.76 20.16
C PHE A 342 -4.18 -7.38 19.08
N LEU A 343 -5.26 -6.73 19.50
CA LEU A 343 -6.29 -6.29 18.56
C LEU A 343 -5.67 -5.38 17.50
N TRP A 344 -4.83 -4.46 17.94
CA TRP A 344 -4.13 -3.55 17.04
C TRP A 344 -3.36 -4.30 15.95
N PHE A 345 -2.46 -5.17 16.36
CA PHE A 345 -1.62 -5.91 15.42
C PHE A 345 -2.43 -6.88 14.55
N PHE A 346 -3.55 -7.37 15.07
CA PHE A 346 -4.41 -8.26 14.31
C PHE A 346 -5.08 -7.46 13.18
N LEU A 347 -5.59 -6.29 13.53
CA LEU A 347 -6.13 -5.36 12.55
C LEU A 347 -5.11 -5.10 11.46
N LEU A 348 -3.91 -4.70 11.88
CA LEU A 348 -2.81 -4.45 10.94
C LEU A 348 -2.58 -5.67 10.05
N PHE A 349 -2.69 -6.86 10.63
CA PHE A 349 -2.47 -8.08 9.87
C PHE A 349 -3.51 -8.30 8.78
N PHE A 350 -4.79 -8.18 9.14
CA PHE A 350 -5.86 -8.35 8.16
C PHE A 350 -5.76 -7.32 7.03
N ALA A 351 -5.51 -6.07 7.38
CA ALA A 351 -5.31 -5.03 6.38
C ALA A 351 -4.16 -5.40 5.44
N GLY A 352 -3.00 -5.66 6.03
CA GLY A 352 -1.81 -6.02 5.28
C GLY A 352 -2.05 -7.18 4.33
N LEU A 353 -2.71 -8.23 4.81
CA LEU A 353 -2.97 -9.41 4.01
C LEU A 353 -3.89 -9.09 2.83
N THR A 354 -4.99 -8.40 3.14
CA THR A 354 -5.95 -7.99 2.12
C THR A 354 -5.28 -7.14 1.03
N SER A 355 -4.20 -6.45 1.39
CA SER A 355 -3.43 -5.72 0.38
C SER A 355 -2.43 -6.61 -0.38
N SER A 356 -1.75 -7.49 0.35
CA SER A 356 -0.71 -8.33 -0.21
C SER A 356 -1.24 -9.27 -1.29
N ILE A 357 -2.34 -9.94 -1.01
CA ILE A 357 -2.94 -10.81 -2.03
C ILE A 357 -3.15 -10.00 -3.31
N ALA A 358 -3.60 -8.76 -3.12
CA ALA A 358 -3.85 -7.85 -4.24
C ALA A 358 -2.58 -7.53 -5.01
N ILE A 359 -1.46 -7.40 -4.31
CA ILE A 359 -0.20 -7.08 -4.99
C ILE A 359 0.55 -8.29 -5.56
N MET A 360 0.09 -9.50 -5.23
CA MET A 360 0.65 -10.70 -5.87
C MET A 360 -0.21 -11.16 -7.05
N GLN A 361 -1.48 -10.78 -7.01
CA GLN A 361 -2.41 -11.13 -8.08
C GLN A 361 -1.97 -10.65 -9.48
N PRO A 362 -1.25 -9.54 -9.57
CA PRO A 362 -0.75 -9.13 -10.89
C PRO A 362 0.18 -10.18 -11.50
N MET A 363 1.19 -10.59 -10.73
CA MET A 363 2.12 -11.62 -11.20
C MET A 363 1.37 -12.90 -11.52
N ILE A 364 0.56 -13.37 -10.57
CA ILE A 364 -0.22 -14.58 -10.80
C ILE A 364 -1.00 -14.51 -12.11
N ALA A 365 -1.70 -13.39 -12.29
CA ALA A 365 -2.53 -13.16 -13.48
C ALA A 365 -1.71 -13.15 -14.76
N PHE A 366 -0.51 -12.57 -14.71
CA PHE A 366 0.36 -12.59 -15.88
C PHE A 366 0.73 -14.02 -16.23
N LEU A 367 1.06 -14.81 -15.21
CA LEU A 367 1.41 -16.21 -15.43
C LEU A 367 0.23 -17.00 -16.01
N GLU A 368 -0.99 -16.63 -15.63
CA GLU A 368 -2.18 -17.33 -16.11
C GLU A 368 -2.59 -16.94 -17.53
N ASP A 369 -2.60 -15.64 -17.81
CA ASP A 369 -3.10 -15.11 -19.07
C ASP A 369 -2.09 -15.20 -20.21
N GLU A 370 -0.84 -14.87 -19.92
CA GLU A 370 0.18 -14.78 -20.97
C GLU A 370 0.98 -16.07 -21.14
N LEU A 371 1.32 -16.72 -20.04
CA LEU A 371 2.08 -17.97 -20.11
C LEU A 371 1.17 -19.19 -20.02
N LYS A 372 -0.13 -18.95 -19.90
CA LYS A 372 -1.13 -20.01 -19.88
C LYS A 372 -0.90 -21.03 -18.77
N LEU A 373 -0.29 -20.59 -17.67
CA LEU A 373 -0.10 -21.45 -16.51
C LEU A 373 -1.41 -21.62 -15.73
N SER A 374 -1.53 -22.75 -15.04
CA SER A 374 -2.69 -22.97 -14.18
C SER A 374 -2.59 -22.07 -12.96
N ARG A 375 -3.71 -21.88 -12.28
CA ARG A 375 -3.73 -21.00 -11.10
C ARG A 375 -2.79 -21.52 -10.02
N LYS A 376 -2.80 -22.82 -9.80
CA LYS A 376 -1.95 -23.45 -8.80
C LYS A 376 -0.47 -23.14 -9.06
N HIS A 377 -0.01 -23.47 -10.25
CA HIS A 377 1.37 -23.24 -10.63
C HIS A 377 1.74 -21.76 -10.54
N ALA A 378 0.88 -20.89 -11.06
CA ALA A 378 1.13 -19.46 -11.03
C ALA A 378 1.31 -18.96 -9.61
N VAL A 379 0.38 -19.34 -8.73
CA VAL A 379 0.42 -18.92 -7.33
C VAL A 379 1.67 -19.46 -6.64
N LEU A 380 1.96 -20.73 -6.84
CA LEU A 380 3.11 -21.37 -6.20
C LEU A 380 4.43 -20.74 -6.64
N TRP A 381 4.57 -20.47 -7.93
CA TRP A 381 5.79 -19.86 -8.46
C TRP A 381 5.93 -18.41 -8.00
N THR A 382 4.84 -17.66 -8.03
CA THR A 382 4.85 -16.29 -7.53
C THR A 382 5.28 -16.26 -6.07
N ALA A 383 4.70 -17.16 -5.28
CA ALA A 383 5.03 -17.28 -3.86
C ALA A 383 6.49 -17.62 -3.68
N ALA A 384 7.01 -18.52 -4.51
CA ALA A 384 8.41 -18.91 -4.44
C ALA A 384 9.33 -17.73 -4.72
N ILE A 385 9.00 -16.97 -5.76
CA ILE A 385 9.80 -15.81 -6.15
C ILE A 385 9.80 -14.75 -5.04
N VAL A 386 8.62 -14.43 -4.53
CA VAL A 386 8.50 -13.42 -3.49
C VAL A 386 9.23 -13.86 -2.22
N PHE A 387 9.03 -15.11 -1.83
CA PHE A 387 9.70 -15.66 -0.64
C PHE A 387 11.21 -15.59 -0.78
N PHE A 388 11.72 -16.09 -1.90
CA PHE A 388 13.16 -16.08 -2.14
C PHE A 388 13.72 -14.66 -2.11
N SER A 389 13.06 -13.75 -2.82
CA SER A 389 13.51 -12.37 -2.89
C SER A 389 13.45 -11.67 -1.54
N ALA A 390 12.58 -12.17 -0.67
CA ALA A 390 12.36 -11.56 0.64
C ALA A 390 13.59 -11.61 1.54
N HIS A 391 14.45 -12.60 1.33
CA HIS A 391 15.65 -12.75 2.15
C HIS A 391 16.53 -11.50 2.08
N LEU A 392 16.50 -10.83 0.92
CA LEU A 392 17.24 -9.60 0.73
C LEU A 392 16.74 -8.54 1.71
N VAL A 393 15.43 -8.47 1.88
CA VAL A 393 14.82 -7.51 2.79
C VAL A 393 15.03 -7.91 4.25
N MET A 394 15.07 -9.22 4.49
CA MET A 394 15.19 -9.74 5.85
C MET A 394 16.61 -9.58 6.43
N PHE A 395 17.61 -9.78 5.59
CA PHE A 395 19.00 -9.81 6.09
C PHE A 395 19.82 -8.58 5.74
N LEU A 396 19.32 -7.74 4.85
CA LEU A 396 20.04 -6.53 4.45
C LEU A 396 19.39 -5.25 4.95
N ASN A 397 20.10 -4.54 5.81
CA ASN A 397 19.62 -3.26 6.32
C ASN A 397 19.59 -2.20 5.21
N LYS A 398 18.56 -1.35 5.25
CA LYS A 398 18.39 -0.28 4.26
C LYS A 398 17.88 -0.78 2.91
N SER A 399 17.67 -2.08 2.79
CA SER A 399 17.16 -2.67 1.55
C SER A 399 15.68 -2.36 1.37
N LEU A 400 14.92 -2.57 2.44
CA LEU A 400 13.49 -2.30 2.43
C LEU A 400 13.21 -0.87 1.98
N ASP A 401 13.95 0.07 2.55
CA ASP A 401 13.79 1.48 2.22
C ASP A 401 14.05 1.73 0.74
N GLU A 402 15.07 1.05 0.21
CA GLU A 402 15.46 1.23 -1.19
C GLU A 402 14.36 0.72 -2.13
N MET A 403 13.84 -0.47 -1.84
CA MET A 403 12.75 -1.03 -2.64
C MET A 403 11.52 -0.14 -2.56
N ASP A 404 11.16 0.28 -1.35
CA ASP A 404 10.01 1.14 -1.14
C ASP A 404 10.17 2.46 -1.87
N PHE A 405 11.42 2.90 -2.03
CA PHE A 405 11.69 4.14 -2.74
C PHE A 405 11.54 4.00 -4.24
N TRP A 406 12.26 3.04 -4.82
CA TRP A 406 12.26 2.87 -6.27
C TRP A 406 10.92 2.37 -6.81
N ALA A 407 10.22 1.54 -6.03
CA ALA A 407 8.97 0.95 -6.48
C ALA A 407 7.74 1.65 -5.90
N GLY A 408 7.68 1.75 -4.58
CA GLY A 408 6.50 2.27 -3.91
C GLY A 408 6.38 3.78 -3.88
N THR A 409 7.39 4.48 -4.38
CA THR A 409 7.38 5.95 -4.36
C THR A 409 7.46 6.55 -5.76
N ILE A 410 8.63 6.43 -6.38
CA ILE A 410 8.86 6.99 -7.71
C ILE A 410 8.13 6.18 -8.78
N GLY A 411 8.25 4.86 -8.69
CA GLY A 411 7.68 3.95 -9.67
C GLY A 411 6.18 4.08 -9.85
N VAL A 412 5.46 4.24 -8.74
CA VAL A 412 4.01 4.33 -8.79
C VAL A 412 3.55 5.62 -9.48
N VAL A 413 4.27 6.70 -9.24
CA VAL A 413 3.95 7.98 -9.86
C VAL A 413 4.27 7.93 -11.35
N PHE A 414 5.49 7.53 -11.67
CA PHE A 414 5.90 7.38 -13.06
C PHE A 414 4.93 6.50 -13.83
N PHE A 415 4.52 5.40 -13.22
CA PHE A 415 3.63 4.43 -13.85
C PHE A 415 2.22 4.98 -13.99
N GLY A 416 1.79 5.78 -13.01
CA GLY A 416 0.49 6.42 -13.07
C GLY A 416 0.44 7.38 -14.24
N LEU A 417 1.46 8.21 -14.36
CA LEU A 417 1.57 9.13 -15.49
C LEU A 417 1.59 8.36 -16.80
N THR A 418 2.36 7.28 -16.85
CA THR A 418 2.48 6.47 -18.05
C THR A 418 1.13 5.91 -18.50
N GLU A 419 0.44 5.24 -17.58
CA GLU A 419 -0.85 4.64 -17.89
C GLU A 419 -1.88 5.69 -18.29
N LEU A 420 -1.87 6.81 -17.59
CA LEU A 420 -2.81 7.89 -17.90
C LEU A 420 -2.54 8.43 -19.31
N ILE A 421 -1.27 8.59 -19.65
CA ILE A 421 -0.89 9.10 -20.96
C ILE A 421 -1.27 8.11 -22.07
N ILE A 422 -1.03 6.83 -21.84
CA ILE A 422 -1.35 5.81 -22.82
C ILE A 422 -2.86 5.69 -23.05
N PHE A 423 -3.62 5.76 -21.96
CA PHE A 423 -5.07 5.53 -22.04
C PHE A 423 -5.85 6.75 -22.50
N PHE A 424 -5.53 7.92 -21.95
CA PHE A 424 -6.32 9.12 -22.18
C PHE A 424 -5.75 10.04 -23.26
N TRP A 425 -4.56 9.72 -23.77
CA TRP A 425 -3.94 10.52 -24.82
C TRP A 425 -3.74 9.72 -26.11
N ILE A 426 -2.92 8.68 -26.03
CA ILE A 426 -2.62 7.85 -27.19
C ILE A 426 -3.86 7.09 -27.68
N PHE A 427 -4.47 6.35 -26.76
CA PHE A 427 -5.67 5.57 -27.07
C PHE A 427 -6.84 6.47 -27.47
N GLY A 428 -6.81 7.73 -27.02
CA GLY A 428 -7.85 8.67 -27.33
C GLY A 428 -8.65 9.07 -26.11
N ALA A 429 -8.81 10.38 -25.92
CA ALA A 429 -9.53 10.90 -24.76
C ALA A 429 -11.01 10.52 -24.78
N ASP A 430 -11.65 10.71 -25.94
CA ASP A 430 -13.07 10.40 -26.08
C ASP A 430 -13.37 8.92 -25.92
N LYS A 431 -12.57 8.08 -26.57
CA LYS A 431 -12.72 6.64 -26.47
C LYS A 431 -12.50 6.18 -25.04
N ALA A 432 -11.50 6.76 -24.37
CA ALA A 432 -11.21 6.44 -22.99
C ALA A 432 -12.38 6.80 -22.08
N TRP A 433 -12.91 7.99 -22.28
CA TRP A 433 -14.05 8.48 -21.50
C TRP A 433 -15.26 7.57 -21.67
N GLU A 434 -15.61 7.31 -22.92
CA GLU A 434 -16.73 6.43 -23.25
C GLU A 434 -16.53 5.06 -22.61
N GLU A 435 -15.29 4.58 -22.61
CA GLU A 435 -14.97 3.29 -22.04
C GLU A 435 -15.13 3.30 -20.52
N ILE A 436 -14.80 4.42 -19.90
CA ILE A 436 -14.93 4.57 -18.46
C ILE A 436 -16.40 4.60 -18.03
N ASN A 437 -17.20 5.38 -18.74
CA ASN A 437 -18.60 5.55 -18.37
C ASN A 437 -19.51 4.39 -18.78
N ARG A 438 -19.11 3.67 -19.83
CA ARG A 438 -19.92 2.57 -20.35
C ARG A 438 -20.35 1.60 -19.26
N GLY A 439 -21.64 1.29 -19.22
CA GLY A 439 -22.17 0.34 -18.27
C GLY A 439 -22.25 0.89 -16.86
N GLY A 440 -21.80 2.12 -16.68
CA GLY A 440 -21.76 2.75 -15.38
C GLY A 440 -23.14 2.99 -14.78
N ILE A 441 -23.31 2.61 -13.53
CA ILE A 441 -24.55 2.83 -12.80
C ILE A 441 -24.75 4.33 -12.58
N ILE A 442 -23.64 5.03 -12.41
CA ILE A 442 -23.64 6.49 -12.37
C ILE A 442 -22.61 7.00 -13.37
N LYS A 443 -22.79 8.22 -13.85
CA LYS A 443 -21.86 8.79 -14.81
C LYS A 443 -20.92 9.80 -14.17
N VAL A 444 -19.65 9.70 -14.53
CA VAL A 444 -18.62 10.59 -14.02
C VAL A 444 -18.88 12.03 -14.46
N PRO A 445 -18.77 12.98 -13.51
CA PRO A 445 -18.95 14.41 -13.80
C PRO A 445 -18.09 14.84 -14.97
N ARG A 446 -18.66 15.63 -15.88
CA ARG A 446 -17.96 16.06 -17.09
C ARG A 446 -16.62 16.71 -16.78
N ILE A 447 -16.58 17.51 -15.73
CA ILE A 447 -15.37 18.24 -15.37
C ILE A 447 -14.17 17.30 -15.28
N TYR A 448 -14.36 16.12 -14.68
CA TYR A 448 -13.28 15.16 -14.55
C TYR A 448 -12.61 14.80 -15.88
N TYR A 449 -13.38 14.81 -16.96
CA TYR A 449 -12.80 14.67 -18.30
C TYR A 449 -11.59 15.60 -18.40
N TYR A 450 -11.84 16.91 -18.31
CA TYR A 450 -10.78 17.91 -18.39
C TYR A 450 -9.73 17.74 -17.29
N VAL A 451 -10.13 17.13 -16.17
CA VAL A 451 -9.20 16.79 -15.10
C VAL A 451 -8.25 15.65 -15.48
N MET A 452 -8.77 14.65 -16.19
CA MET A 452 -7.97 13.50 -16.59
C MET A 452 -7.02 13.81 -17.74
N ARG A 453 -7.44 14.69 -18.64
CA ARG A 453 -6.71 14.96 -19.87
C ARG A 453 -5.61 16.00 -19.71
N TYR A 454 -5.79 16.91 -18.75
CA TYR A 454 -4.87 18.03 -18.62
C TYR A 454 -4.25 18.17 -17.23
N ILE A 455 -5.10 18.30 -16.20
CA ILE A 455 -4.63 18.61 -14.86
C ILE A 455 -3.74 17.52 -14.26
N THR A 456 -4.30 16.33 -14.09
CA THR A 456 -3.58 15.22 -13.45
C THR A 456 -2.21 14.95 -14.07
N PRO A 457 -2.16 14.75 -15.40
CA PRO A 457 -0.88 14.47 -16.05
C PRO A 457 0.13 15.59 -15.82
N ALA A 458 -0.33 16.83 -15.85
CA ALA A 458 0.52 17.97 -15.59
C ALA A 458 1.12 17.88 -14.19
N PHE A 459 0.25 17.63 -13.21
CA PHE A 459 0.69 17.48 -11.83
C PHE A 459 1.75 16.40 -11.68
N LEU A 460 1.45 15.22 -12.19
CA LEU A 460 2.39 14.10 -12.09
C LEU A 460 3.71 14.42 -12.77
N ALA A 461 3.64 15.10 -13.91
CA ALA A 461 4.84 15.48 -14.66
C ALA A 461 5.72 16.42 -13.83
N VAL A 462 5.12 17.49 -13.34
CA VAL A 462 5.83 18.44 -12.49
C VAL A 462 6.46 17.73 -11.31
N LEU A 463 5.67 16.91 -10.63
CA LEU A 463 6.15 16.16 -9.48
C LEU A 463 7.38 15.33 -9.82
N LEU A 464 7.30 14.57 -10.91
CA LEU A 464 8.41 13.75 -11.35
C LEU A 464 9.64 14.59 -11.69
N VAL A 465 9.41 15.77 -12.25
CA VAL A 465 10.50 16.68 -12.58
C VAL A 465 11.23 17.13 -11.32
N VAL A 466 10.47 17.62 -10.34
CA VAL A 466 11.04 18.04 -9.07
C VAL A 466 11.82 16.89 -8.42
N TRP A 467 11.14 15.77 -8.23
CA TRP A 467 11.77 14.58 -7.65
C TRP A 467 13.09 14.26 -8.32
N ALA A 468 13.05 14.09 -9.64
CA ALA A 468 14.26 13.81 -10.41
C ALA A 468 15.35 14.83 -10.10
N ARG A 469 15.01 16.12 -10.22
CA ARG A 469 15.94 17.19 -9.93
C ARG A 469 16.63 17.00 -8.58
N GLU A 470 15.86 16.59 -7.58
CA GLU A 470 16.37 16.49 -6.22
C GLU A 470 17.16 15.21 -5.94
N TYR A 471 16.82 14.13 -6.62
CA TYR A 471 17.41 12.82 -6.33
C TYR A 471 18.58 12.44 -7.23
N ILE A 472 18.58 12.93 -8.46
CA ILE A 472 19.63 12.55 -9.41
C ILE A 472 21.07 12.77 -8.90
N PRO A 473 21.31 13.83 -8.11
CA PRO A 473 22.66 14.00 -7.60
C PRO A 473 22.94 13.10 -6.40
N LYS A 474 21.92 12.84 -5.59
CA LYS A 474 22.06 12.02 -4.39
C LYS A 474 22.27 10.55 -4.72
N ILE A 475 21.69 10.10 -5.83
CA ILE A 475 21.77 8.69 -6.22
C ILE A 475 23.20 8.17 -6.36
N MET A 476 23.99 8.85 -7.19
CA MET A 476 25.35 8.41 -7.47
C MET A 476 26.25 8.38 -6.23
N GLU A 477 26.10 9.37 -5.36
CA GLU A 477 26.92 9.44 -4.15
C GLU A 477 26.20 8.84 -2.94
N GLU A 478 26.28 7.52 -2.82
CA GLU A 478 25.70 6.80 -1.69
C GLU A 478 26.70 5.79 -1.16
N THR A 479 26.98 5.85 0.13
CA THR A 479 28.04 5.04 0.74
C THR A 479 27.71 3.56 0.84
N HIS A 480 26.60 3.26 1.51
CA HIS A 480 26.23 1.87 1.82
C HIS A 480 26.19 0.96 0.59
N TRP A 481 26.64 -0.28 0.75
CA TRP A 481 26.67 -1.24 -0.34
C TRP A 481 25.38 -2.04 -0.44
N THR A 482 24.64 -2.11 0.66
CA THR A 482 23.38 -2.84 0.67
C THR A 482 22.41 -2.28 -0.37
N VAL A 483 22.43 -0.96 -0.54
CA VAL A 483 21.55 -0.31 -1.50
C VAL A 483 21.92 -0.65 -2.93
N TRP A 484 23.22 -0.80 -3.19
CA TRP A 484 23.68 -1.17 -4.52
C TRP A 484 23.33 -2.62 -4.85
N ILE A 485 23.42 -3.48 -3.84
CA ILE A 485 23.01 -4.87 -3.98
C ILE A 485 21.53 -4.94 -4.29
N THR A 486 20.74 -4.16 -3.55
CA THR A 486 19.30 -4.12 -3.75
C THR A 486 18.96 -3.63 -5.15
N ARG A 487 19.54 -2.50 -5.53
CA ARG A 487 19.31 -1.94 -6.86
C ARG A 487 19.63 -2.97 -7.93
N PHE A 488 20.82 -3.54 -7.83
CA PHE A 488 21.24 -4.59 -8.76
C PHE A 488 20.20 -5.68 -8.87
N TYR A 489 19.76 -6.18 -7.72
CA TYR A 489 18.81 -7.30 -7.69
C TYR A 489 17.46 -6.96 -8.32
N ILE A 490 16.90 -5.81 -7.96
CA ILE A 490 15.60 -5.42 -8.50
C ILE A 490 15.67 -5.13 -10.00
N ILE A 491 16.81 -4.61 -10.44
CA ILE A 491 17.08 -4.46 -11.87
C ILE A 491 17.04 -5.84 -12.53
N GLY A 492 17.68 -6.81 -11.87
CA GLY A 492 17.65 -8.18 -12.33
C GLY A 492 16.22 -8.69 -12.46
N LEU A 493 15.39 -8.35 -11.47
CA LEU A 493 13.98 -8.73 -11.51
C LEU A 493 13.29 -8.12 -12.74
N PHE A 494 13.60 -6.86 -13.02
CA PHE A 494 13.03 -6.19 -14.18
C PHE A 494 13.41 -6.93 -15.45
N LEU A 495 14.69 -7.28 -15.58
CA LEU A 495 15.16 -8.02 -16.74
C LEU A 495 14.44 -9.37 -16.87
N PHE A 496 14.26 -10.03 -15.73
CA PHE A 496 13.57 -11.31 -15.69
C PHE A 496 12.14 -11.20 -16.21
N LEU A 497 11.40 -10.23 -15.69
CA LEU A 497 10.02 -10.01 -16.10
C LEU A 497 9.95 -9.64 -17.58
N THR A 498 10.90 -8.83 -18.04
CA THR A 498 10.98 -8.46 -19.45
C THR A 498 11.14 -9.72 -20.29
N PHE A 499 12.01 -10.62 -19.83
CA PHE A 499 12.24 -11.89 -20.52
C PHE A 499 10.96 -12.72 -20.57
N LEU A 500 10.24 -12.79 -19.46
CA LEU A 500 8.98 -13.52 -19.42
C LEU A 500 7.99 -12.95 -20.45
N VAL A 501 7.91 -11.62 -20.49
CA VAL A 501 7.07 -10.94 -21.47
C VAL A 501 7.47 -11.35 -22.88
N PHE A 502 8.78 -11.43 -23.12
CA PHE A 502 9.30 -11.86 -24.40
C PHE A 502 8.82 -13.27 -24.74
N LEU A 503 8.93 -14.18 -23.77
CA LEU A 503 8.48 -15.56 -23.96
C LEU A 503 7.00 -15.64 -24.29
N ALA A 504 6.20 -14.84 -23.58
CA ALA A 504 4.76 -14.80 -23.82
C ALA A 504 4.48 -14.33 -25.24
N GLU A 505 5.16 -13.26 -25.64
CA GLU A 505 5.00 -12.70 -26.97
C GLU A 505 5.34 -13.73 -28.04
N ARG A 506 6.44 -14.45 -27.83
CA ARG A 506 6.86 -15.49 -28.78
C ARG A 506 5.87 -16.64 -28.82
N ARG A 507 5.26 -16.93 -27.67
CA ARG A 507 4.26 -17.98 -27.59
C ARG A 507 3.02 -17.59 -28.38
N ARG A 508 2.67 -16.31 -28.34
CA ARG A 508 1.53 -15.82 -29.11
C ARG A 508 1.69 -16.12 -30.59
N ASN A 509 2.86 -15.80 -31.15
CA ASN A 509 3.14 -16.05 -32.54
C ASN A 509 3.11 -17.54 -32.88
#